data_5YVQ
#
_entry.id   5YVQ
#
_cell.length_a   66.332
_cell.length_b   66.332
_cell.length_c   387.769
_cell.angle_alpha   90.00
_cell.angle_beta   90.00
_cell.angle_gamma   120.00
#
_symmetry.space_group_name_H-M   'P 3 2 1'
#
loop_
_entity.id
_entity.type
_entity.pdbx_description
1 polymer 'Tail fiber protein S'
2 polymer 'Tail fiber assembly protein U'
3 non-polymer GLYCEROL
4 water water
#
loop_
_entity_poly.entity_id
_entity_poly.type
_entity_poly.pdbx_seq_one_letter_code
_entity_poly.pdbx_strand_id
1 'polypeptide(L)'
;MFYIDNDSGVTVMPPVSAQRSAIVRWFSEGDGNNVITWPGMDWFNIVQAELLNTLEEAGIQPDKTKLNQLALSIKAIMSN
NALLIKNNLSEIKTAGASAQRTARENLDIYDASLNKKGLVQLTSATDSPSETLAATAKAVKIAMDNANARLAKDRNGADI
PNKPLFIQNLGLQETVNRARNAVQKNGDTLSGGLTFENDSILAWIRNTDWAKIGFKNDADSDTDSYMWFETGDNGNEYFK
WRSKQSTTTKDLMNLKWDALSVLVNAIVNGEVISKSANGLRIAYGNYGFFIRNDGSNTYFMLTNSGDNMGTYNGLRPLWI
NNATGAVSMGRGLNVSGDTLSDRFAINSSNGMWIQMRDNNAIFGKNIVNTDSAQALLRQNHADRKFMIGGLGNKQFGIYM
INNSRTANGTDGQAYMDNNGNWLCGAQVIPGNYANFDSRYVRDVRLGTQSLTGGLSRDYKAPSGHVITGFHTNGDWEMQG
GDDKVYIRPVQKNINGTWYNVASA
;
A
2 'polypeptide(L)'
;MMHLKNIKSENPKTKEQYQLTKNFDVIWLWSEDGKNWYEEVNNFQDDTIKIVYDENNIIVAITKDASTLNPEGFSVVEIP
DITANRRADDSGKWMFKDGAVVKRIYTADEQQQQAESQKAALLSEAESVIQPLERAVRLNMATDEERARLESWERYSVLV
SRVDTANPEWPQKPE
;
B
#
loop_
_chem_comp.id
_chem_comp.type
_chem_comp.name
_chem_comp.formula
GOL non-polymer GLYCEROL 'C3 H8 O3'
#
# COMPACT_ATOMS: atom_id res chain seq x y z
N LYS A 138 129.56 -59.48 3.79
CA LYS A 138 128.52 -58.50 4.02
C LYS A 138 127.88 -58.03 2.72
N ALA A 139 128.24 -58.68 1.61
CA ALA A 139 127.60 -58.36 0.34
C ALA A 139 126.12 -58.71 0.34
N VAL A 140 125.74 -59.79 1.03
CA VAL A 140 124.34 -60.13 1.19
C VAL A 140 123.64 -59.31 2.27
N LYS A 141 124.40 -58.69 3.18
CA LYS A 141 123.79 -57.77 4.13
C LYS A 141 123.17 -56.58 3.41
N ILE A 142 123.79 -56.13 2.32
CA ILE A 142 123.19 -55.08 1.51
C ILE A 142 121.88 -55.56 0.89
N ALA A 143 121.84 -56.81 0.44
CA ALA A 143 120.59 -57.38 -0.06
C ALA A 143 119.58 -57.57 1.08
N MET A 144 120.06 -57.93 2.27
CA MET A 144 119.17 -58.10 3.42
C MET A 144 118.60 -56.76 3.88
N ASP A 145 119.44 -55.72 3.93
CA ASP A 145 118.96 -54.41 4.34
C ASP A 145 117.98 -53.85 3.32
N ASN A 146 118.24 -54.09 2.03
CA ASN A 146 117.32 -53.67 0.99
C ASN A 146 115.96 -54.31 1.19
N ALA A 147 115.92 -55.63 1.38
CA ALA A 147 114.64 -56.29 1.65
C ALA A 147 113.99 -55.76 2.92
N ASN A 148 114.80 -55.45 3.95
CA ASN A 148 114.25 -54.95 5.19
C ASN A 148 113.64 -53.55 5.04
N ALA A 149 113.99 -52.83 3.98
CA ALA A 149 113.46 -51.50 3.71
C ALA A 149 112.16 -51.53 2.91
N ARG A 150 111.52 -52.70 2.81
CA ARG A 150 110.37 -52.90 1.96
C ARG A 150 109.17 -53.35 2.78
N LEU A 151 107.97 -53.05 2.27
CA LEU A 151 106.73 -53.29 2.99
C LEU A 151 106.51 -54.78 3.24
N ALA A 152 106.31 -55.14 4.50
CA ALA A 152 106.17 -56.53 4.89
C ALA A 152 104.73 -56.97 4.80
N LYS A 153 104.50 -58.09 4.10
CA LYS A 153 103.15 -58.63 3.97
C LYS A 153 102.49 -58.83 5.33
N ASP A 154 103.22 -59.44 6.27
CA ASP A 154 102.65 -59.79 7.57
C ASP A 154 102.33 -58.58 8.44
N ARG A 155 102.76 -57.38 8.04
CA ARG A 155 102.45 -56.17 8.81
C ARG A 155 101.24 -55.41 8.27
N ASN A 156 100.78 -55.71 7.05
CA ASN A 156 99.55 -55.15 6.48
C ASN A 156 99.51 -53.62 6.56
N GLY A 157 100.52 -53.00 5.97
CA GLY A 157 100.62 -51.56 5.91
C GLY A 157 100.99 -50.87 7.20
N ALA A 158 101.11 -51.61 8.30
CA ALA A 158 101.46 -50.97 9.56
C ALA A 158 102.86 -50.36 9.52
N ASP A 159 103.71 -50.84 8.61
CA ASP A 159 105.08 -50.38 8.47
C ASP A 159 105.23 -49.27 7.44
N ILE A 160 104.14 -48.65 7.02
CA ILE A 160 104.24 -47.49 6.13
C ILE A 160 104.64 -46.28 6.97
N PRO A 161 105.71 -45.58 6.61
CA PRO A 161 106.21 -44.51 7.50
C PRO A 161 105.35 -43.26 7.48
N ASN A 162 104.78 -42.91 6.33
CA ASN A 162 103.95 -41.70 6.18
C ASN A 162 102.62 -42.08 5.51
N LYS A 163 101.68 -42.52 6.34
CA LYS A 163 100.40 -43.00 5.80
C LYS A 163 99.58 -41.93 5.09
N PRO A 164 99.48 -40.67 5.55
CA PRO A 164 98.76 -39.67 4.74
C PRO A 164 99.36 -39.46 3.36
N LEU A 165 100.69 -39.51 3.24
CA LEU A 165 101.32 -39.42 1.93
C LEU A 165 100.98 -40.64 1.07
N PHE A 166 100.91 -41.82 1.70
CA PHE A 166 100.54 -43.04 0.97
C PHE A 166 99.15 -42.89 0.37
N ILE A 167 98.18 -42.48 1.18
CA ILE A 167 96.84 -42.20 0.68
C ILE A 167 96.92 -41.21 -0.48
N GLN A 168 97.70 -40.14 -0.30
CA GLN A 168 97.87 -39.15 -1.36
C GLN A 168 98.43 -39.79 -2.63
N ASN A 169 99.55 -40.51 -2.51
CA ASN A 169 100.17 -41.12 -3.68
C ASN A 169 99.23 -42.12 -4.34
N LEU A 170 98.43 -42.83 -3.55
CA LEU A 170 97.47 -43.78 -4.11
C LEU A 170 96.43 -43.10 -4.98
N GLY A 171 96.20 -41.80 -4.81
CA GLY A 171 95.12 -41.11 -5.49
C GLY A 171 93.81 -41.10 -4.74
N LEU A 172 93.84 -41.20 -3.41
CA LEU A 172 92.64 -41.37 -2.61
C LEU A 172 92.27 -40.13 -1.81
N GLN A 173 93.01 -39.03 -1.97
CA GLN A 173 92.77 -37.85 -1.13
C GLN A 173 91.37 -37.29 -1.37
N GLU A 174 90.97 -37.15 -2.63
CA GLU A 174 89.64 -36.63 -2.92
C GLU A 174 88.56 -37.57 -2.41
N THR A 175 88.80 -38.88 -2.49
CA THR A 175 87.87 -39.81 -1.85
C THR A 175 87.79 -39.53 -0.36
N VAL A 176 88.94 -39.34 0.28
CA VAL A 176 88.95 -39.01 1.70
C VAL A 176 88.15 -37.73 1.95
N ASN A 177 88.32 -36.72 1.10
CA ASN A 177 87.75 -35.39 1.35
C ASN A 177 86.24 -35.38 1.09
N ARG A 178 85.81 -36.08 0.04
CA ARG A 178 84.38 -36.13 -0.27
C ARG A 178 83.63 -37.01 0.72
N ALA A 179 84.28 -38.02 1.29
CA ALA A 179 83.59 -38.81 2.30
C ALA A 179 83.53 -38.07 3.63
N ARG A 180 84.56 -37.27 3.94
CA ARG A 180 84.52 -36.45 5.13
C ARG A 180 83.41 -35.41 5.06
N ASN A 181 83.11 -34.89 3.87
CA ASN A 181 82.13 -33.84 3.64
C ASN A 181 80.79 -34.39 3.17
N ALA A 182 80.59 -35.71 3.27
CA ALA A 182 79.39 -36.34 2.73
C ALA A 182 78.24 -36.29 3.73
N VAL A 183 77.07 -35.82 3.28
CA VAL A 183 75.85 -35.97 4.05
C VAL A 183 75.62 -37.43 4.42
N GLN A 184 75.35 -37.69 5.70
CA GLN A 184 75.15 -39.05 6.21
C GLN A 184 73.67 -39.46 6.22
N LYS A 185 73.43 -40.72 5.88
CA LYS A 185 72.06 -41.18 5.69
C LYS A 185 71.26 -41.22 6.99
N ASN A 186 71.92 -41.25 8.15
CA ASN A 186 71.18 -41.20 9.40
C ASN A 186 71.03 -39.78 9.94
N GLY A 187 71.14 -38.78 9.07
CA GLY A 187 70.84 -37.41 9.46
C GLY A 187 72.07 -36.53 9.38
N ASP A 188 71.88 -35.26 9.05
CA ASP A 188 73.04 -34.39 8.94
C ASP A 188 72.59 -32.93 8.89
N THR A 189 73.59 -32.07 9.02
CA THR A 189 73.46 -30.63 8.92
C THR A 189 74.11 -30.16 7.63
N LEU A 190 73.50 -29.20 6.96
CA LEU A 190 74.02 -28.70 5.71
C LEU A 190 74.31 -27.19 5.80
N SER A 191 75.36 -26.78 5.12
CA SER A 191 75.77 -25.37 5.02
C SER A 191 75.54 -24.83 3.62
N GLY A 192 75.00 -25.65 2.72
CA GLY A 192 74.60 -25.19 1.41
C GLY A 192 73.28 -25.81 1.03
N GLY A 193 72.72 -25.32 -0.09
CA GLY A 193 71.40 -25.78 -0.50
C GLY A 193 71.44 -27.08 -1.29
N LEU A 194 70.28 -27.73 -1.38
CA LEU A 194 70.09 -28.92 -2.22
C LEU A 194 69.15 -28.58 -3.37
N THR A 195 69.50 -29.06 -4.57
CA THR A 195 68.71 -28.77 -5.76
C THR A 195 68.46 -30.08 -6.49
N PHE A 196 67.18 -30.36 -6.72
CA PHE A 196 66.78 -31.43 -7.62
C PHE A 196 66.80 -30.89 -9.06
N GLU A 197 67.55 -31.54 -9.94
CA GLU A 197 67.69 -31.11 -11.32
C GLU A 197 66.74 -31.83 -12.27
N ASN A 198 66.09 -32.88 -11.82
CA ASN A 198 65.06 -33.53 -12.62
C ASN A 198 63.79 -33.65 -11.80
N ASP A 199 62.86 -34.46 -12.33
CA ASP A 199 61.53 -34.65 -11.76
C ASP A 199 61.59 -35.61 -10.57
N SER A 200 62.22 -35.15 -9.50
CA SER A 200 62.42 -35.97 -8.32
C SER A 200 61.61 -35.43 -7.15
N ILE A 201 61.31 -36.31 -6.19
CA ILE A 201 60.40 -36.01 -5.09
C ILE A 201 61.15 -36.03 -3.76
N LEU A 202 60.77 -35.11 -2.88
CA LEU A 202 61.11 -35.20 -1.47
C LEU A 202 59.92 -35.86 -0.77
N ALA A 203 60.18 -36.98 -0.07
CA ALA A 203 59.09 -37.74 0.51
C ALA A 203 59.35 -38.13 1.96
N TRP A 204 58.27 -38.22 2.72
CA TRP A 204 58.23 -38.93 3.99
C TRP A 204 57.31 -40.12 3.78
N ILE A 205 57.85 -41.33 3.88
CA ILE A 205 57.08 -42.53 3.56
C ILE A 205 57.15 -43.46 4.75
N ARG A 206 55.99 -43.82 5.31
CA ARG A 206 55.94 -44.54 6.58
C ARG A 206 54.58 -45.21 6.72
N ASN A 207 54.58 -46.49 7.07
CA ASN A 207 53.35 -47.24 7.38
C ASN A 207 52.41 -47.30 6.17
N THR A 208 52.97 -47.32 4.96
CA THR A 208 52.29 -47.28 3.66
C THR A 208 51.63 -45.93 3.36
N ASP A 209 51.87 -44.91 4.17
CA ASP A 209 51.31 -43.58 3.95
C ASP A 209 52.43 -42.61 3.62
N TRP A 210 52.09 -41.38 3.26
CA TRP A 210 53.21 -40.53 2.86
C TRP A 210 52.86 -39.05 2.86
N ALA A 211 53.93 -38.26 2.83
CA ALA A 211 53.88 -36.85 2.51
C ALA A 211 54.96 -36.59 1.48
N LYS A 212 54.63 -35.77 0.48
CA LYS A 212 55.48 -35.62 -0.70
C LYS A 212 55.46 -34.19 -1.22
N ILE A 213 56.64 -33.71 -1.63
CA ILE A 213 56.80 -32.44 -2.34
C ILE A 213 57.47 -32.73 -3.69
N GLY A 214 56.94 -32.14 -4.75
CA GLY A 214 57.55 -32.23 -6.06
C GLY A 214 57.25 -31.01 -6.90
N PHE A 215 57.81 -31.01 -8.10
CA PHE A 215 57.66 -29.89 -9.03
C PHE A 215 57.28 -30.43 -10.41
N LYS A 216 56.04 -30.18 -10.80
CA LYS A 216 55.55 -30.64 -12.09
C LYS A 216 55.87 -29.58 -13.15
N ASN A 217 56.60 -29.97 -14.20
CA ASN A 217 57.01 -29.04 -15.23
C ASN A 217 57.55 -29.81 -16.43
N ASP A 218 56.77 -29.84 -17.51
CA ASP A 218 57.14 -30.65 -18.66
C ASP A 218 58.07 -29.92 -19.60
N ALA A 219 57.97 -28.61 -19.65
CA ALA A 219 58.81 -27.75 -20.48
C ALA A 219 58.58 -26.33 -19.98
N ASP A 220 59.41 -25.40 -20.46
CA ASP A 220 59.24 -24.01 -20.03
C ASP A 220 57.87 -23.47 -20.43
N SER A 221 57.34 -23.91 -21.56
CA SER A 221 56.04 -23.48 -22.05
C SER A 221 54.87 -24.24 -21.41
N ASP A 222 55.15 -25.16 -20.46
CA ASP A 222 54.09 -25.91 -19.79
C ASP A 222 53.05 -24.97 -19.18
N THR A 223 51.80 -25.12 -19.62
CA THR A 223 50.71 -24.26 -19.16
C THR A 223 50.02 -24.77 -17.90
N ASP A 224 50.39 -25.96 -17.40
CA ASP A 224 49.89 -26.43 -16.11
C ASP A 224 51.08 -26.96 -15.29
N SER A 225 51.98 -26.04 -14.92
CA SER A 225 53.17 -26.33 -14.13
C SER A 225 52.95 -25.88 -12.69
N TYR A 226 53.43 -26.67 -11.73
CA TYR A 226 53.12 -26.36 -10.33
C TYR A 226 54.05 -27.11 -9.39
N MET A 227 54.38 -26.45 -8.29
CA MET A 227 54.88 -27.12 -7.12
C MET A 227 53.71 -27.78 -6.39
N TRP A 228 53.83 -29.05 -6.07
CA TRP A 228 52.73 -29.72 -5.40
C TRP A 228 53.18 -30.32 -4.07
N PHE A 229 52.22 -30.38 -3.16
CA PHE A 229 52.34 -31.00 -1.85
C PHE A 229 51.28 -32.09 -1.78
N GLU A 230 51.69 -33.30 -1.42
CA GLU A 230 50.68 -34.36 -1.44
C GLU A 230 50.78 -35.25 -0.22
N THR A 231 49.64 -35.65 0.31
CA THR A 231 49.55 -36.68 1.34
C THR A 231 48.82 -37.90 0.78
N GLY A 232 49.11 -39.07 1.35
CA GLY A 232 48.42 -40.33 1.08
C GLY A 232 48.56 -41.24 2.28
N ASP A 233 47.85 -42.35 2.27
CA ASP A 233 47.11 -42.89 1.13
C ASP A 233 45.66 -43.33 1.48
N ASN A 234 45.13 -42.81 2.58
CA ASN A 234 43.78 -43.16 3.02
C ASN A 234 42.77 -42.03 2.85
N GLY A 235 43.19 -40.88 2.32
CA GLY A 235 42.32 -39.73 2.19
C GLY A 235 42.24 -38.86 3.42
N ASN A 236 42.68 -39.34 4.59
CA ASN A 236 42.51 -38.54 5.80
C ASN A 236 43.81 -37.98 6.34
N GLU A 237 44.95 -38.42 5.83
CA GLU A 237 46.19 -37.71 6.05
C GLU A 237 46.05 -36.32 5.45
N TYR A 238 46.37 -35.30 6.24
CA TYR A 238 46.07 -33.94 5.81
C TYR A 238 47.26 -33.00 5.97
N PHE A 239 47.05 -31.70 5.76
CA PHE A 239 48.11 -30.69 5.86
C PHE A 239 47.83 -29.76 7.03
N LYS A 240 48.88 -29.49 7.81
CA LYS A 240 48.78 -28.62 8.96
C LYS A 240 49.87 -27.55 8.92
N TRP A 241 49.50 -26.31 9.23
CA TRP A 241 50.45 -25.22 9.45
C TRP A 241 50.37 -24.75 10.90
N ARG A 242 51.52 -24.66 11.57
CA ARG A 242 51.52 -24.21 12.97
C ARG A 242 52.75 -23.36 13.26
N SER A 243 52.68 -22.61 14.35
CA SER A 243 53.80 -21.78 14.74
C SER A 243 54.00 -21.93 16.24
N LYS A 244 55.23 -21.65 16.67
CA LYS A 244 55.64 -21.79 18.05
C LYS A 244 56.16 -20.46 18.59
N GLN A 245 55.71 -20.11 19.79
CA GLN A 245 56.24 -19.01 20.58
C GLN A 245 56.72 -19.63 21.87
N SER A 246 58.04 -19.65 22.08
CA SER A 246 58.68 -20.39 23.18
C SER A 246 58.11 -21.80 23.10
N THR A 247 57.64 -22.39 24.21
CA THR A 247 57.08 -23.73 24.23
C THR A 247 55.61 -23.83 23.80
N THR A 248 54.93 -22.73 23.48
CA THR A 248 53.52 -22.79 23.12
C THR A 248 53.41 -23.05 21.62
N THR A 249 52.55 -24.00 21.24
CA THR A 249 52.24 -24.27 19.84
C THR A 249 50.83 -23.79 19.50
N LYS A 250 50.70 -23.03 18.42
CA LYS A 250 49.41 -22.61 17.90
C LYS A 250 49.23 -23.15 16.49
N ASP A 251 48.27 -24.07 16.31
CA ASP A 251 47.84 -24.49 14.98
C ASP A 251 47.14 -23.32 14.29
N LEU A 252 47.50 -23.08 13.02
CA LEU A 252 46.96 -21.96 12.28
C LEU A 252 46.00 -22.37 11.19
N MET A 253 46.26 -23.49 10.52
CA MET A 253 45.45 -23.86 9.36
C MET A 253 45.58 -25.35 9.12
N ASN A 254 44.46 -26.00 8.85
CA ASN A 254 44.47 -27.40 8.43
C ASN A 254 43.80 -27.51 7.07
N LEU A 255 44.38 -28.30 6.16
CA LEU A 255 43.70 -28.55 4.88
C LEU A 255 43.41 -30.04 4.72
N LYS A 256 42.12 -30.38 4.73
CA LYS A 256 41.65 -31.76 4.69
C LYS A 256 40.84 -32.00 3.43
N TRP A 257 40.54 -33.28 3.23
CA TRP A 257 39.83 -33.79 2.06
C TRP A 257 38.59 -32.98 1.72
N ASP A 258 37.87 -32.49 2.72
CA ASP A 258 36.62 -31.79 2.44
C ASP A 258 36.63 -30.32 2.83
N ALA A 259 37.70 -29.80 3.44
CA ALA A 259 37.61 -28.41 3.83
C ALA A 259 38.99 -27.86 4.20
N LEU A 260 39.26 -26.64 3.76
CA LEU A 260 40.30 -25.81 4.35
C LEU A 260 39.77 -25.22 5.64
N SER A 261 40.41 -25.53 6.76
CA SER A 261 40.02 -24.97 8.06
CA SER A 261 40.03 -24.98 8.06
C SER A 261 41.03 -23.92 8.47
N VAL A 262 40.62 -22.66 8.43
CA VAL A 262 41.44 -21.54 8.90
C VAL A 262 41.06 -21.28 10.35
N LEU A 263 42.01 -21.51 11.26
CA LEU A 263 41.72 -21.40 12.69
C LEU A 263 41.95 -19.99 13.22
N VAL A 264 42.31 -19.05 12.35
CA VAL A 264 42.51 -17.66 12.71
C VAL A 264 41.56 -16.84 11.83
N ASN A 265 41.81 -15.53 11.69
CA ASN A 265 41.03 -14.77 10.73
C ASN A 265 41.49 -15.04 9.29
N ALA A 266 40.63 -14.71 8.33
CA ALA A 266 40.99 -14.78 6.92
C ALA A 266 40.76 -13.41 6.30
N ILE A 267 41.84 -12.73 5.94
CA ILE A 267 41.79 -11.36 5.45
C ILE A 267 42.24 -11.40 3.99
N VAL A 268 41.31 -11.10 3.10
CA VAL A 268 41.52 -11.26 1.68
C VAL A 268 41.54 -9.88 1.06
N ASN A 269 42.66 -9.54 0.40
CA ASN A 269 42.74 -8.22 -0.23
C ASN A 269 41.85 -8.17 -1.48
N GLY A 270 41.75 -9.28 -2.21
CA GLY A 270 40.88 -9.38 -3.35
C GLY A 270 39.45 -9.65 -2.92
N GLU A 271 38.68 -10.23 -3.83
CA GLU A 271 37.28 -10.54 -3.61
C GLU A 271 37.14 -11.96 -3.09
N VAL A 272 36.12 -12.15 -2.27
CA VAL A 272 35.80 -13.45 -1.68
C VAL A 272 34.58 -13.98 -2.42
N ILE A 273 34.74 -15.11 -3.09
CA ILE A 273 33.71 -15.66 -3.94
C ILE A 273 33.49 -17.12 -3.59
N SER A 274 32.22 -17.48 -3.39
CA SER A 274 31.83 -18.87 -3.33
C SER A 274 31.09 -19.24 -4.60
N LYS A 275 31.29 -20.48 -5.02
CA LYS A 275 30.56 -21.04 -6.14
C LYS A 275 29.56 -22.07 -5.67
N SER A 276 29.28 -22.11 -4.36
CA SER A 276 28.20 -22.94 -3.84
C SER A 276 26.97 -22.09 -3.54
N ALA A 277 25.80 -22.72 -3.69
CA ALA A 277 24.54 -21.99 -3.50
C ALA A 277 24.46 -21.40 -2.09
N ASN A 278 24.71 -22.22 -1.06
CA ASN A 278 24.77 -21.73 0.33
C ASN A 278 26.14 -21.09 0.56
N GLY A 279 26.35 -19.96 -0.11
CA GLY A 279 27.72 -19.52 -0.35
C GLY A 279 28.40 -18.92 0.86
N LEU A 280 27.65 -18.21 1.70
CA LEU A 280 28.21 -17.39 2.77
C LEU A 280 27.45 -17.66 4.05
N ARG A 281 28.14 -18.10 5.08
CA ARG A 281 27.48 -18.48 6.32
C ARG A 281 28.17 -17.89 7.53
N ILE A 282 27.37 -17.49 8.51
CA ILE A 282 27.89 -17.15 9.82
C ILE A 282 27.28 -18.15 10.80
N ALA A 283 28.07 -19.15 11.20
CA ALA A 283 27.62 -20.18 12.13
C ALA A 283 28.14 -19.80 13.51
N TYR A 284 27.37 -18.96 14.21
CA TYR A 284 27.74 -18.49 15.54
C TYR A 284 26.55 -18.66 16.47
N GLY A 285 26.78 -19.31 17.61
CA GLY A 285 25.74 -19.46 18.63
C GLY A 285 24.56 -20.30 18.19
N ASN A 286 23.39 -19.95 18.72
CA ASN A 286 22.20 -20.80 18.70
C ASN A 286 21.72 -21.08 17.28
N TYR A 287 21.64 -20.04 16.45
CA TYR A 287 21.12 -20.12 15.09
C TYR A 287 22.19 -19.68 14.11
N GLY A 288 22.35 -20.44 13.03
CA GLY A 288 23.20 -20.02 11.94
C GLY A 288 22.45 -19.12 10.96
N PHE A 289 23.18 -18.22 10.33
CA PHE A 289 22.67 -17.35 9.28
C PHE A 289 23.43 -17.62 8.00
N PHE A 290 22.72 -17.76 6.88
CA PHE A 290 23.47 -17.85 5.63
C PHE A 290 22.71 -17.25 4.48
N ILE A 291 23.47 -16.88 3.46
CA ILE A 291 22.93 -16.37 2.21
C ILE A 291 22.97 -17.51 1.21
N ARG A 292 21.81 -17.82 0.63
CA ARG A 292 21.71 -18.87 -0.37
C ARG A 292 21.27 -18.25 -1.68
N ASN A 293 22.13 -18.34 -2.70
CA ASN A 293 21.76 -17.96 -4.06
C ASN A 293 21.62 -19.24 -4.87
N ASP A 294 20.39 -19.61 -5.23
CA ASP A 294 20.17 -20.84 -5.98
C ASP A 294 20.18 -20.62 -7.48
N GLY A 295 20.67 -19.47 -7.95
CA GLY A 295 20.67 -19.14 -9.36
C GLY A 295 19.47 -18.31 -9.82
N SER A 296 18.32 -18.45 -9.16
CA SER A 296 17.11 -17.73 -9.53
C SER A 296 16.69 -16.70 -8.49
N ASN A 297 16.84 -17.03 -7.22
CA ASN A 297 16.56 -16.14 -6.10
C ASN A 297 17.69 -16.26 -5.09
N THR A 298 17.97 -15.15 -4.43
CA THR A 298 18.93 -15.07 -3.34
C THR A 298 18.18 -14.90 -2.02
N TYR A 299 18.38 -15.83 -1.09
CA TYR A 299 17.66 -15.86 0.18
C TYR A 299 18.57 -15.50 1.34
N PHE A 300 18.01 -14.80 2.33
CA PHE A 300 18.60 -14.73 3.65
C PHE A 300 18.02 -15.85 4.50
N MET A 301 18.85 -16.83 4.88
CA MET A 301 18.37 -18.07 5.47
C MET A 301 18.81 -18.21 6.92
N LEU A 302 18.03 -19.01 7.66
CA LEU A 302 18.23 -19.30 9.07
C LEU A 302 18.13 -20.80 9.29
N THR A 303 18.96 -21.31 10.19
CA THR A 303 18.85 -22.70 10.63
C THR A 303 17.92 -22.78 11.84
N ASN A 304 17.52 -24.01 12.16
CA ASN A 304 16.90 -24.28 13.46
C ASN A 304 17.94 -24.11 14.58
N SER A 305 17.40 -24.04 15.80
CA SER A 305 18.21 -23.81 16.98
C SER A 305 19.13 -25.00 17.26
N GLY A 306 20.37 -24.71 17.63
CA GLY A 306 21.34 -25.78 17.89
C GLY A 306 21.89 -26.47 16.67
N ASP A 307 21.66 -25.92 15.49
CA ASP A 307 22.03 -26.53 14.22
C ASP A 307 22.67 -25.50 13.31
N ASN A 308 23.54 -24.64 13.86
CA ASN A 308 24.02 -23.49 13.10
C ASN A 308 24.83 -23.86 11.84
N MET A 309 25.27 -25.12 11.70
CA MET A 309 25.91 -25.55 10.45
C MET A 309 24.93 -26.22 9.48
N GLY A 310 23.63 -26.21 9.80
CA GLY A 310 22.66 -27.04 9.12
C GLY A 310 22.01 -26.36 7.92
N THR A 311 21.03 -27.07 7.34
CA THR A 311 20.23 -26.53 6.25
C THR A 311 19.26 -25.45 6.77
N TYR A 312 18.58 -24.80 5.84
CA TYR A 312 17.63 -23.78 6.23
C TYR A 312 16.34 -24.42 6.74
N ASN A 313 15.62 -23.69 7.60
CA ASN A 313 14.28 -24.10 7.98
C ASN A 313 13.27 -23.43 7.04
N GLY A 314 12.01 -23.31 7.49
CA GLY A 314 10.94 -22.72 6.71
C GLY A 314 10.88 -21.20 6.72
N LEU A 315 11.64 -20.53 7.59
CA LEU A 315 11.64 -19.08 7.61
C LEU A 315 12.18 -18.48 6.31
N ARG A 316 11.49 -17.45 5.80
CA ARG A 316 11.99 -16.63 4.69
C ARG A 316 11.97 -15.15 5.09
N PRO A 317 12.91 -14.73 5.93
CA PRO A 317 12.94 -13.30 6.32
C PRO A 317 13.05 -12.33 5.15
N LEU A 318 13.86 -12.66 4.15
CA LEU A 318 14.08 -11.74 3.04
C LEU A 318 14.66 -12.51 1.87
N TRP A 319 14.17 -12.23 0.66
CA TRP A 319 14.82 -12.74 -0.53
C TRP A 319 14.71 -11.76 -1.70
N ILE A 320 15.55 -11.99 -2.68
CA ILE A 320 15.64 -11.15 -3.88
C ILE A 320 15.41 -12.01 -5.11
N ASN A 321 14.58 -11.52 -6.02
CA ASN A 321 14.41 -12.13 -7.33
C ASN A 321 15.61 -11.73 -8.17
N ASN A 322 16.43 -12.73 -8.57
CA ASN A 322 17.66 -12.40 -9.26
C ASN A 322 17.40 -11.82 -10.66
N ALA A 323 16.28 -12.20 -11.29
CA ALA A 323 16.00 -11.70 -12.62
C ALA A 323 15.40 -10.28 -12.61
N THR A 324 14.59 -9.94 -11.61
CA THR A 324 13.89 -8.67 -11.63
C THR A 324 14.35 -7.69 -10.55
N GLY A 325 15.09 -8.15 -9.53
CA GLY A 325 15.54 -7.28 -8.45
C GLY A 325 14.54 -7.09 -7.33
N ALA A 326 13.32 -7.62 -7.47
CA ALA A 326 12.28 -7.41 -6.48
C ALA A 326 12.64 -8.02 -5.13
N VAL A 327 12.38 -7.28 -4.06
CA VAL A 327 12.65 -7.74 -2.71
C VAL A 327 11.35 -8.23 -2.10
N SER A 328 11.43 -9.38 -1.44
CA SER A 328 10.27 -9.92 -0.73
C SER A 328 10.69 -10.23 0.69
N MET A 329 9.72 -10.14 1.59
CA MET A 329 9.94 -10.51 2.98
C MET A 329 8.77 -11.36 3.44
N GLY A 330 9.05 -12.50 4.03
CA GLY A 330 8.01 -13.43 4.36
C GLY A 330 7.60 -13.47 5.80
N ARG A 331 8.21 -12.65 6.65
CA ARG A 331 7.96 -12.74 8.09
C ARG A 331 7.67 -11.36 8.68
N GLY A 332 7.20 -10.42 7.85
CA GLY A 332 6.84 -9.09 8.30
C GLY A 332 8.02 -8.14 8.35
N LEU A 333 7.71 -6.88 8.62
CA LEU A 333 8.72 -5.83 8.55
C LEU A 333 8.38 -4.79 9.59
N ASN A 334 9.41 -4.35 10.31
CA ASN A 334 9.27 -3.35 11.38
C ASN A 334 10.25 -2.23 11.14
N VAL A 335 9.76 -1.04 10.81
CA VAL A 335 10.61 0.10 10.47
C VAL A 335 10.50 1.16 11.55
N SER A 336 11.64 1.61 12.07
CA SER A 336 11.68 2.78 12.95
CA SER A 336 11.68 2.77 12.95
C SER A 336 11.84 4.01 12.08
N GLY A 337 10.94 4.98 12.24
CA GLY A 337 11.03 6.19 11.42
C GLY A 337 10.09 6.17 10.23
N ASP A 338 10.49 6.82 9.13
CA ASP A 338 9.62 6.93 7.96
C ASP A 338 9.88 5.81 6.98
N THR A 339 8.80 5.24 6.46
CA THR A 339 8.84 4.35 5.30
C THR A 339 8.25 5.14 4.14
N LEU A 340 9.10 5.46 3.18
CA LEU A 340 8.72 6.20 1.99
C LEU A 340 8.60 5.23 0.82
N SER A 341 7.54 5.38 0.04
CA SER A 341 7.36 4.54 -1.14
C SER A 341 6.59 5.37 -2.15
N ASP A 342 6.74 5.02 -3.43
CA ASP A 342 5.92 5.68 -4.44
C ASP A 342 4.44 5.34 -4.23
N ARG A 343 4.12 4.05 -4.10
CA ARG A 343 2.76 3.60 -3.78
C ARG A 343 2.83 2.54 -2.70
N PHE A 344 1.74 2.41 -1.94
CA PHE A 344 1.54 1.32 -1.00
C PHE A 344 0.37 0.50 -1.48
N ALA A 345 0.59 -0.81 -1.65
CA ALA A 345 -0.46 -1.71 -2.12
C ALA A 345 -0.90 -2.59 -0.96
N ILE A 346 -2.17 -2.50 -0.61
CA ILE A 346 -2.74 -3.41 0.40
C ILE A 346 -3.19 -4.66 -0.31
N ASN A 347 -2.83 -5.83 0.24
CA ASN A 347 -3.42 -7.08 -0.23
C ASN A 347 -4.86 -7.15 0.27
N SER A 348 -5.74 -6.41 -0.40
CA SER A 348 -7.06 -6.08 0.12
C SER A 348 -8.04 -7.26 0.04
N SER A 349 -9.04 -7.22 0.92
CA SER A 349 -9.96 -8.34 1.17
C SER A 349 -11.34 -8.07 0.59
N ASN A 350 -12.15 -9.13 0.57
CA ASN A 350 -13.53 -9.08 0.11
C ASN A 350 -14.38 -9.92 1.05
N GLY A 351 -15.52 -9.38 1.49
CA GLY A 351 -16.40 -10.18 2.32
C GLY A 351 -17.62 -9.45 2.83
N MET A 352 -18.11 -9.91 3.99
CA MET A 352 -19.30 -9.37 4.62
C MET A 352 -19.00 -8.05 5.32
N TRP A 353 -20.06 -7.30 5.58
CA TRP A 353 -19.95 -6.01 6.25
C TRP A 353 -19.17 -6.11 7.56
N ILE A 354 -19.52 -7.09 8.39
CA ILE A 354 -18.94 -7.15 9.73
C ILE A 354 -17.48 -7.60 9.68
N GLN A 355 -17.07 -8.25 8.59
CA GLN A 355 -15.68 -8.64 8.41
C GLN A 355 -14.75 -7.46 8.11
N MET A 356 -15.29 -6.26 7.92
CA MET A 356 -14.41 -5.10 7.73
C MET A 356 -13.52 -4.87 8.95
N ARG A 357 -13.95 -5.33 10.14
CA ARG A 357 -13.07 -5.33 11.30
C ARG A 357 -11.74 -6.02 11.03
N ASP A 358 -11.75 -7.08 10.22
CA ASP A 358 -10.60 -7.95 9.99
C ASP A 358 -10.03 -7.88 8.58
N ASN A 359 -10.61 -7.09 7.68
CA ASN A 359 -10.03 -6.95 6.35
C ASN A 359 -8.59 -6.47 6.46
N ASN A 360 -7.76 -6.87 5.51
CA ASN A 360 -6.41 -6.30 5.42
C ASN A 360 -6.49 -4.80 5.13
N ALA A 361 -5.73 -4.01 5.89
CA ALA A 361 -5.89 -2.56 5.88
C ALA A 361 -4.61 -1.91 6.40
N ILE A 362 -4.54 -0.60 6.24
CA ILE A 362 -3.69 0.22 7.10
C ILE A 362 -4.50 0.57 8.35
N PHE A 363 -3.86 0.48 9.51
CA PHE A 363 -4.58 0.71 10.75
C PHE A 363 -3.59 1.26 11.78
N GLY A 364 -4.13 1.79 12.87
CA GLY A 364 -3.33 2.21 13.99
C GLY A 364 -3.10 1.06 14.95
N LYS A 365 -1.84 0.63 15.09
CA LYS A 365 -1.50 -0.41 16.06
C LYS A 365 -1.86 -0.03 17.50
N ASN A 366 -1.75 1.24 17.85
CA ASN A 366 -2.14 1.72 19.18
C ASN A 366 -3.55 2.30 19.11
N ILE A 367 -4.48 1.69 19.86
CA ILE A 367 -5.87 2.16 19.99
C ILE A 367 -5.90 3.65 20.32
N VAL A 368 -6.91 4.38 19.87
CA VAL A 368 -7.07 5.75 20.32
C VAL A 368 -7.75 5.72 21.69
N ASN A 369 -7.12 6.38 22.67
CA ASN A 369 -7.66 6.40 24.02
C ASN A 369 -8.97 7.18 24.05
N THR A 370 -9.89 6.74 24.89
CA THR A 370 -11.20 7.39 24.93
C THR A 370 -11.02 8.87 25.25
N ASP A 371 -11.67 9.72 24.46
CA ASP A 371 -11.65 11.17 24.61
C ASP A 371 -10.31 11.80 24.27
N SER A 372 -9.40 11.05 23.65
CA SER A 372 -8.14 11.56 23.11
C SER A 372 -8.19 11.59 21.57
N ALA A 373 -7.38 12.45 20.97
CA ALA A 373 -7.39 12.61 19.51
C ALA A 373 -6.24 11.85 18.86
N GLN A 374 -6.54 11.20 17.73
CA GLN A 374 -5.53 10.47 16.97
C GLN A 374 -5.86 10.54 15.49
N ALA A 375 -4.92 11.03 14.68
CA ALA A 375 -5.05 11.02 13.24
C ALA A 375 -4.23 9.86 12.64
N LEU A 376 -4.76 9.25 11.58
CA LEU A 376 -4.04 8.17 10.90
C LEU A 376 -3.61 8.56 9.49
N LEU A 377 -4.26 9.56 8.89
CA LEU A 377 -3.91 9.97 7.53
C LEU A 377 -3.86 11.48 7.45
N ARG A 378 -2.84 12.01 6.77
CA ARG A 378 -2.68 13.46 6.74
C ARG A 378 -2.32 13.96 5.34
N GLN A 379 -3.00 15.02 4.88
CA GLN A 379 -2.62 15.69 3.64
C GLN A 379 -2.26 17.15 3.93
N ASN A 380 -1.04 17.54 3.59
CA ASN A 380 -0.59 18.91 3.78
C ASN A 380 -0.96 19.76 2.57
N HIS A 381 -1.62 20.89 2.83
CA HIS A 381 -1.85 21.95 1.86
C HIS A 381 -0.97 23.15 2.22
N ALA A 382 -0.97 24.19 1.37
CA ALA A 382 -0.03 25.30 1.61
C ALA A 382 -0.28 25.97 2.96
N ASP A 383 -1.55 26.20 3.31
CA ASP A 383 -1.92 26.99 4.48
C ASP A 383 -2.67 26.21 5.53
N ARG A 384 -2.90 24.91 5.31
CA ARG A 384 -3.68 24.12 6.24
C ARG A 384 -3.27 22.68 6.04
N LYS A 385 -3.69 21.82 6.97
CA LYS A 385 -3.53 20.38 6.89
C LYS A 385 -4.89 19.75 7.15
N PHE A 386 -5.19 18.67 6.43
CA PHE A 386 -6.40 17.88 6.65
C PHE A 386 -6.04 16.49 7.15
N MET A 387 -6.82 15.97 8.08
CA MET A 387 -6.55 14.70 8.72
C MET A 387 -7.79 13.82 8.70
N ILE A 388 -7.56 12.51 8.54
CA ILE A 388 -8.55 11.51 8.91
C ILE A 388 -8.16 11.00 10.29
N GLY A 389 -9.07 11.12 11.22
CA GLY A 389 -8.80 10.66 12.56
C GLY A 389 -10.02 10.74 13.43
N GLY A 390 -9.81 10.78 14.74
CA GLY A 390 -10.96 10.64 15.61
C GLY A 390 -10.65 11.04 17.03
N LEU A 391 -11.74 11.23 17.79
CA LEU A 391 -11.75 11.38 19.23
C LEU A 391 -12.23 10.06 19.84
N GLY A 392 -11.38 9.42 20.64
CA GLY A 392 -11.59 8.06 21.08
C GLY A 392 -12.96 7.76 21.62
N ASN A 393 -13.68 6.84 20.96
CA ASN A 393 -15.00 6.35 21.30
C ASN A 393 -16.10 7.38 21.01
N LYS A 394 -15.77 8.55 20.42
CA LYS A 394 -16.69 9.68 20.31
C LYS A 394 -16.87 10.18 18.88
N GLN A 395 -15.80 10.25 18.10
CA GLN A 395 -15.85 10.90 16.80
C GLN A 395 -14.89 10.20 15.86
N PHE A 396 -15.25 10.17 14.57
CA PHE A 396 -14.30 9.76 13.54
C PHE A 396 -14.65 10.43 12.22
N GLY A 397 -13.65 11.02 11.58
CA GLY A 397 -13.85 11.64 10.28
C GLY A 397 -12.72 12.55 9.82
N ILE A 398 -13.10 13.73 9.33
CA ILE A 398 -12.21 14.66 8.65
C ILE A 398 -12.07 15.90 9.51
N TYR A 399 -10.83 16.33 9.71
CA TYR A 399 -10.54 17.51 10.50
C TYR A 399 -9.56 18.39 9.74
N MET A 400 -9.78 19.69 9.81
CA MET A 400 -8.88 20.66 9.20
C MET A 400 -8.24 21.52 10.26
N ILE A 401 -6.94 21.74 10.16
CA ILE A 401 -6.22 22.66 11.04
C ILE A 401 -5.44 23.64 10.18
N ASN A 402 -5.81 24.91 10.24
CA ASN A 402 -5.04 25.94 9.56
C ASN A 402 -3.66 26.06 10.19
N ASN A 403 -2.65 26.28 9.36
CA ASN A 403 -1.28 26.39 9.87
C ASN A 403 -1.10 27.57 10.83
N SER A 404 -1.97 28.56 10.79
CA SER A 404 -1.82 29.73 11.65
C SER A 404 -2.39 29.50 13.05
N ARG A 405 -3.19 28.44 13.25
CA ARG A 405 -3.78 28.19 14.55
CA ARG A 405 -3.78 28.17 14.55
C ARG A 405 -2.70 27.94 15.61
N THR A 406 -2.92 28.47 16.81
CA THR A 406 -2.04 28.18 17.93
C THR A 406 -2.77 27.59 19.14
N ALA A 407 -4.03 27.98 19.37
CA ALA A 407 -4.82 27.39 20.43
C ALA A 407 -5.28 25.98 20.05
N ASN A 408 -5.43 25.13 21.07
CA ASN A 408 -5.87 23.75 20.82
C ASN A 408 -7.28 23.75 20.24
N GLY A 409 -7.53 22.80 19.35
CA GLY A 409 -8.76 22.66 18.61
C GLY A 409 -8.48 22.50 17.14
N THR A 410 -9.54 22.52 16.33
CA THR A 410 -9.45 22.36 14.89
C THR A 410 -10.27 23.46 14.25
N ASP A 411 -10.01 23.67 12.96
CA ASP A 411 -10.69 24.74 12.24
C ASP A 411 -11.87 24.24 11.42
N GLY A 412 -11.96 22.94 11.17
CA GLY A 412 -13.12 22.38 10.52
C GLY A 412 -13.30 20.92 10.88
N GLN A 413 -14.54 20.47 11.03
CA GLN A 413 -14.80 19.10 11.46
C GLN A 413 -15.99 18.57 10.67
N ALA A 414 -15.87 17.34 10.19
CA ALA A 414 -16.98 16.64 9.53
C ALA A 414 -16.79 15.18 9.87
N TYR A 415 -17.69 14.62 10.68
CA TYR A 415 -17.33 13.37 11.34
C TYR A 415 -18.57 12.61 11.78
N MET A 416 -18.37 11.31 11.99
CA MET A 416 -19.40 10.45 12.51
C MET A 416 -19.22 10.35 14.02
N ASP A 417 -20.33 10.43 14.75
CA ASP A 417 -20.24 10.23 16.19
C ASP A 417 -20.56 8.78 16.50
N ASN A 418 -20.54 8.47 17.79
CA ASN A 418 -20.73 7.11 18.26
C ASN A 418 -22.15 6.61 18.11
N ASN A 419 -23.11 7.44 17.67
CA ASN A 419 -24.44 6.97 17.31
C ASN A 419 -24.63 6.84 15.80
N GLY A 420 -23.60 7.09 14.99
CA GLY A 420 -23.74 7.01 13.56
C GLY A 420 -24.24 8.27 12.87
N ASN A 421 -24.42 9.38 13.60
CA ASN A 421 -24.76 10.64 12.95
C ASN A 421 -23.55 11.22 12.26
N TRP A 422 -23.80 12.04 11.22
CA TRP A 422 -22.76 12.79 10.52
C TRP A 422 -22.89 14.26 10.89
N LEU A 423 -21.85 14.80 11.51
CA LEU A 423 -21.85 16.14 12.07
C LEU A 423 -20.84 17.03 11.35
N CYS A 424 -21.19 18.30 11.19
CA CYS A 424 -20.27 19.29 10.63
C CYS A 424 -20.25 20.52 11.54
N GLY A 425 -19.05 21.01 11.82
CA GLY A 425 -18.94 22.22 12.61
C GLY A 425 -19.50 23.45 11.92
N ALA A 426 -19.72 23.40 10.61
CA ALA A 426 -20.23 24.55 9.88
C ALA A 426 -21.46 24.13 9.06
N GLN A 427 -21.55 24.52 7.79
CA GLN A 427 -22.74 24.19 7.01
C GLN A 427 -22.56 22.86 6.27
N VAL A 428 -23.68 22.19 6.00
CA VAL A 428 -23.72 21.06 5.08
C VAL A 428 -24.43 21.58 3.82
N ILE A 429 -23.71 21.61 2.69
CA ILE A 429 -24.20 22.26 1.49
C ILE A 429 -24.34 21.24 0.38
N PRO A 430 -25.54 20.73 0.14
CA PRO A 430 -25.77 19.85 -1.01
C PRO A 430 -25.85 20.61 -2.32
N GLY A 431 -25.49 19.93 -3.41
CA GLY A 431 -25.77 20.51 -4.71
C GLY A 431 -27.19 20.38 -5.17
N ASN A 432 -27.98 19.54 -4.51
CA ASN A 432 -29.36 19.25 -4.90
C ASN A 432 -30.15 19.10 -3.62
N TYR A 433 -31.22 19.90 -3.48
CA TYR A 433 -32.00 19.96 -2.24
C TYR A 433 -33.32 19.19 -2.33
N ALA A 434 -33.53 18.41 -3.39
CA ALA A 434 -34.84 17.85 -3.68
C ALA A 434 -35.42 17.06 -2.51
N ASN A 435 -34.58 16.29 -1.80
CA ASN A 435 -35.12 15.48 -0.71
C ASN A 435 -35.49 16.31 0.51
N PHE A 436 -34.99 17.54 0.62
CA PHE A 436 -35.45 18.50 1.63
C PHE A 436 -36.64 19.34 1.12
N ASP A 437 -36.54 19.87 -0.11
CA ASP A 437 -37.59 20.75 -0.63
C ASP A 437 -38.93 20.05 -0.72
N SER A 438 -38.96 18.72 -0.77
CA SER A 438 -40.21 17.98 -0.80
C SER A 438 -40.81 17.76 0.58
N ARG A 439 -40.20 18.26 1.65
CA ARG A 439 -40.74 18.03 2.97
C ARG A 439 -41.47 19.22 3.58
N TYR A 440 -41.30 20.44 3.06
CA TYR A 440 -41.67 21.63 3.81
C TYR A 440 -42.44 22.62 2.94
N VAL A 441 -43.18 23.50 3.62
CA VAL A 441 -43.79 24.65 2.97
C VAL A 441 -42.72 25.70 2.74
N ARG A 442 -42.58 26.16 1.50
CA ARG A 442 -41.62 27.21 1.19
C ARG A 442 -42.27 28.58 1.04
N ASP A 443 -43.59 28.68 0.96
CA ASP A 443 -44.24 29.97 0.86
C ASP A 443 -45.73 29.77 1.12
N VAL A 444 -46.39 30.85 1.56
CA VAL A 444 -47.83 30.90 1.75
C VAL A 444 -48.31 32.25 1.23
N ARG A 445 -49.51 32.27 0.67
CA ARG A 445 -50.06 33.48 0.08
C ARG A 445 -51.57 33.37 0.00
N LEU A 446 -52.21 34.51 -0.28
CA LEU A 446 -53.62 34.55 -0.62
C LEU A 446 -53.75 34.68 -2.14
N GLY A 447 -54.55 33.80 -2.74
CA GLY A 447 -54.76 33.82 -4.18
C GLY A 447 -55.77 34.87 -4.62
N THR A 448 -56.16 34.76 -5.90
CA THR A 448 -56.96 35.79 -6.55
C THR A 448 -58.33 35.95 -5.89
N GLN A 449 -58.75 37.20 -5.74
CA GLN A 449 -60.05 37.52 -5.17
C GLN A 449 -61.17 37.22 -6.15
N SER A 450 -62.23 36.58 -5.67
CA SER A 450 -63.43 36.33 -6.46
C SER A 450 -64.65 36.81 -5.69
N LEU A 451 -65.78 36.91 -6.37
CA LEU A 451 -67.04 37.29 -5.75
C LEU A 451 -68.07 36.20 -5.89
N THR A 452 -68.77 35.94 -4.79
CA THR A 452 -69.87 35.00 -4.81
C THR A 452 -71.09 35.65 -5.49
N GLY A 453 -72.15 34.86 -5.64
CA GLY A 453 -73.43 35.44 -6.00
C GLY A 453 -74.07 36.01 -4.76
N GLY A 454 -74.45 37.29 -4.81
CA GLY A 454 -75.14 37.91 -3.70
C GLY A 454 -76.39 37.13 -3.37
N LEU A 455 -76.42 36.47 -2.22
CA LEU A 455 -77.46 35.46 -2.03
C LEU A 455 -77.96 35.35 -0.60
N SER A 456 -78.13 34.10 -0.14
CA SER A 456 -79.05 33.77 0.93
C SER A 456 -78.57 34.30 2.28
N ARG A 457 -79.46 34.16 3.27
CA ARG A 457 -79.16 34.56 4.64
C ARG A 457 -78.15 33.64 5.31
N ASP A 458 -77.77 32.54 4.67
CA ASP A 458 -76.76 31.63 5.20
C ASP A 458 -75.75 31.34 4.09
N TYR A 459 -74.47 31.50 4.39
CA TYR A 459 -73.42 31.30 3.39
C TYR A 459 -72.17 30.73 4.04
N LYS A 460 -71.49 29.81 3.33
CA LYS A 460 -70.22 29.25 3.76
C LYS A 460 -69.20 29.38 2.63
N ALA A 461 -68.02 29.89 2.96
CA ALA A 461 -66.97 30.04 1.94
C ALA A 461 -66.51 28.66 1.46
N PRO A 462 -66.18 28.51 0.18
CA PRO A 462 -65.75 27.21 -0.34
C PRO A 462 -64.45 26.77 0.32
N SER A 463 -64.09 25.51 0.05
CA SER A 463 -62.90 24.91 0.66
C SER A 463 -61.66 25.75 0.40
N GLY A 464 -60.90 25.99 1.45
CA GLY A 464 -59.64 26.70 1.35
C GLY A 464 -59.74 28.21 1.33
N HIS A 465 -60.94 28.78 1.32
CA HIS A 465 -61.16 30.21 1.12
C HIS A 465 -61.47 30.93 2.43
N VAL A 466 -61.14 32.22 2.46
CA VAL A 466 -61.50 33.13 3.54
C VAL A 466 -62.23 34.32 2.95
N ILE A 467 -63.02 35.00 3.80
CA ILE A 467 -63.71 36.21 3.37
C ILE A 467 -62.78 37.40 3.43
N THR A 468 -62.72 38.14 2.33
CA THR A 468 -61.84 39.30 2.20
C THR A 468 -62.57 40.59 1.81
N GLY A 469 -63.89 40.60 1.77
CA GLY A 469 -64.58 41.84 1.48
C GLY A 469 -66.08 41.67 1.40
N PHE A 470 -66.74 42.75 0.99
CA PHE A 470 -68.21 42.78 0.89
C PHE A 470 -68.62 43.66 -0.27
N HIS A 471 -69.83 43.40 -0.78
CA HIS A 471 -70.46 44.27 -1.77
C HIS A 471 -71.97 44.20 -1.55
N THR A 472 -72.55 45.29 -1.07
CA THR A 472 -73.99 45.34 -0.85
C THR A 472 -74.65 46.37 -1.76
N ASP A 482 -79.22 41.98 -2.78
CA ASP A 482 -78.03 41.51 -3.49
C ASP A 482 -76.75 41.86 -2.73
N ASP A 483 -76.53 41.18 -1.60
CA ASP A 483 -75.37 41.41 -0.75
C ASP A 483 -74.30 40.38 -1.11
N LYS A 484 -73.26 40.82 -1.81
CA LYS A 484 -72.17 39.97 -2.24
C LYS A 484 -71.04 39.98 -1.22
N VAL A 485 -70.17 38.99 -1.30
CA VAL A 485 -69.02 38.89 -0.41
C VAL A 485 -67.79 38.51 -1.24
N TYR A 486 -66.67 39.14 -0.94
CA TYR A 486 -65.39 38.83 -1.56
C TYR A 486 -64.73 37.68 -0.82
N ILE A 487 -64.02 36.82 -1.56
CA ILE A 487 -63.27 35.72 -0.97
C ILE A 487 -61.94 35.54 -1.70
N ARG A 488 -60.97 34.97 -1.00
CA ARG A 488 -59.69 34.59 -1.56
C ARG A 488 -59.33 33.18 -1.11
N PRO A 489 -58.60 32.43 -1.94
CA PRO A 489 -58.08 31.13 -1.50
C PRO A 489 -56.72 31.26 -0.84
N VAL A 490 -56.57 30.56 0.29
CA VAL A 490 -55.26 30.44 0.92
C VAL A 490 -54.44 29.39 0.17
N GLN A 491 -53.19 29.71 -0.13
CA GLN A 491 -52.35 28.84 -0.94
C GLN A 491 -51.01 28.59 -0.27
N LYS A 492 -50.46 27.40 -0.50
CA LYS A 492 -49.16 26.99 0.03
C LYS A 492 -48.28 26.51 -1.11
N ASN A 493 -47.01 26.88 -1.04
CA ASN A 493 -46.04 26.47 -2.05
C ASN A 493 -45.21 25.32 -1.49
N ILE A 494 -45.40 24.13 -2.04
CA ILE A 494 -44.59 22.96 -1.72
C ILE A 494 -43.70 22.64 -2.90
N ASN A 495 -42.39 22.77 -2.72
CA ASN A 495 -41.45 22.25 -3.71
C ASN A 495 -41.63 22.93 -5.07
N GLY A 496 -42.06 24.19 -5.05
CA GLY A 496 -42.15 24.96 -6.27
C GLY A 496 -43.51 25.00 -6.93
N THR A 497 -44.50 24.29 -6.40
CA THR A 497 -45.87 24.37 -6.91
C THR A 497 -46.78 24.99 -5.86
N TRP A 498 -47.65 25.90 -6.30
CA TRP A 498 -48.67 26.50 -5.46
C TRP A 498 -49.90 25.59 -5.43
N TYR A 499 -50.26 25.12 -4.23
CA TYR A 499 -51.43 24.29 -4.05
C TYR A 499 -52.45 25.04 -3.21
N ASN A 500 -53.72 24.75 -3.42
CA ASN A 500 -54.75 25.38 -2.60
C ASN A 500 -54.89 24.64 -1.28
N VAL A 501 -55.00 25.42 -0.21
CA VAL A 501 -55.18 24.87 1.12
C VAL A 501 -56.54 24.18 1.22
N ALA A 502 -56.63 23.17 2.07
CA ALA A 502 -57.88 22.46 2.29
C ALA A 502 -58.56 22.99 3.56
N SER A 503 -59.89 22.94 3.54
CA SER A 503 -60.73 23.26 4.69
C SER A 503 -61.31 21.96 5.24
N ALA A 504 -61.03 21.67 6.50
CA ALA A 504 -61.52 20.46 7.14
C ALA A 504 -63.06 20.40 7.18
N MET B 1 -57.08 29.27 -27.01
CA MET B 1 -56.00 29.00 -26.05
C MET B 1 -56.48 28.04 -24.96
N MET B 2 -55.85 28.11 -23.78
CA MET B 2 -56.20 27.22 -22.69
C MET B 2 -57.66 27.42 -22.27
N HIS B 3 -58.37 26.30 -22.09
CA HIS B 3 -59.77 26.37 -21.68
C HIS B 3 -60.13 25.08 -20.94
N LEU B 4 -60.36 25.20 -19.62
CA LEU B 4 -60.71 24.07 -18.77
C LEU B 4 -62.08 24.33 -18.17
N LYS B 5 -63.04 23.44 -18.47
CA LYS B 5 -64.42 23.61 -18.07
C LYS B 5 -64.78 22.66 -16.93
N ASN B 6 -65.66 23.14 -16.05
CA ASN B 6 -66.24 22.35 -14.96
C ASN B 6 -65.16 21.60 -14.18
N ILE B 7 -64.19 22.38 -13.69
CA ILE B 7 -63.08 21.81 -12.92
C ILE B 7 -63.63 21.34 -11.57
N LYS B 8 -63.44 20.05 -11.28
CA LYS B 8 -63.95 19.46 -10.06
C LYS B 8 -62.88 18.60 -9.40
N SER B 9 -63.04 18.41 -8.10
CA SER B 9 -62.08 17.63 -7.34
C SER B 9 -62.36 16.14 -7.48
N GLU B 10 -61.29 15.36 -7.64
CA GLU B 10 -61.37 13.91 -7.72
C GLU B 10 -60.14 13.32 -7.05
N ASN B 11 -60.22 12.03 -6.74
CA ASN B 11 -59.15 11.35 -6.02
C ASN B 11 -57.86 11.34 -6.84
N PRO B 12 -56.70 11.33 -6.20
CA PRO B 12 -55.44 11.22 -6.95
C PRO B 12 -55.42 9.93 -7.75
N LYS B 13 -54.87 10.01 -8.97
CA LYS B 13 -54.86 8.87 -9.87
C LYS B 13 -53.51 8.16 -9.93
N THR B 14 -52.42 8.86 -9.62
CA THR B 14 -51.09 8.30 -9.74
C THR B 14 -50.40 8.26 -8.37
N LYS B 15 -49.24 7.59 -8.33
CA LYS B 15 -48.52 7.43 -7.08
C LYS B 15 -48.02 8.77 -6.54
N GLU B 16 -47.51 9.65 -7.42
CA GLU B 16 -46.99 10.93 -6.96
C GLU B 16 -48.12 11.83 -6.47
N GLN B 17 -49.25 11.81 -7.16
CA GLN B 17 -50.43 12.51 -6.65
C GLN B 17 -50.91 11.90 -5.34
N TYR B 18 -50.78 10.57 -5.19
CA TYR B 18 -51.22 9.92 -3.97
C TYR B 18 -50.34 10.31 -2.79
N GLN B 19 -49.04 10.50 -3.02
CA GLN B 19 -48.17 10.89 -1.93
C GLN B 19 -48.47 12.31 -1.47
N LEU B 20 -48.66 13.22 -2.43
CA LEU B 20 -48.94 14.61 -2.09
C LEU B 20 -50.28 14.75 -1.37
N THR B 21 -51.28 13.97 -1.75
CA THR B 21 -52.53 13.99 -1.00
C THR B 21 -52.36 13.32 0.37
N LYS B 22 -51.52 12.29 0.46
CA LYS B 22 -51.34 11.61 1.73
C LYS B 22 -50.58 12.47 2.72
N ASN B 23 -49.58 13.21 2.27
CA ASN B 23 -48.70 13.98 3.14
C ASN B 23 -49.10 15.45 3.28
N PHE B 24 -49.69 16.05 2.24
CA PHE B 24 -49.99 17.48 2.28
C PHE B 24 -51.47 17.78 1.97
N ASP B 25 -52.32 16.76 1.94
CA ASP B 25 -53.77 16.92 1.77
C ASP B 25 -54.13 17.63 0.47
N VAL B 26 -53.28 17.47 -0.56
CA VAL B 26 -53.55 18.11 -1.84
C VAL B 26 -54.88 17.61 -2.39
N ILE B 27 -55.76 18.54 -2.74
CA ILE B 27 -57.03 18.23 -3.36
C ILE B 27 -56.84 18.41 -4.86
N TRP B 28 -56.74 17.29 -5.59
CA TRP B 28 -56.45 17.35 -7.01
C TRP B 28 -57.69 17.74 -7.80
N LEU B 29 -57.54 18.77 -8.64
CA LEU B 29 -58.63 19.30 -9.44
C LEU B 29 -58.51 18.84 -10.88
N TRP B 30 -59.64 18.47 -11.47
CA TRP B 30 -59.68 17.99 -12.85
CA TRP B 30 -59.67 18.00 -12.85
C TRP B 30 -60.82 18.67 -13.59
N SER B 31 -60.58 19.03 -14.84
CA SER B 31 -61.62 19.56 -15.70
C SER B 31 -62.48 18.42 -16.24
N GLU B 32 -63.68 18.77 -16.73
CA GLU B 32 -64.63 17.75 -17.16
C GLU B 32 -64.07 16.88 -18.28
N ASP B 33 -63.01 17.30 -18.95
CA ASP B 33 -62.37 16.50 -19.99
C ASP B 33 -61.20 15.68 -19.48
N GLY B 34 -60.89 15.74 -18.19
CA GLY B 34 -59.86 14.91 -17.60
C GLY B 34 -58.48 15.52 -17.47
N LYS B 35 -58.35 16.85 -17.61
CA LYS B 35 -57.07 17.52 -17.46
C LYS B 35 -56.84 17.92 -16.02
N ASN B 36 -55.63 17.68 -15.51
CA ASN B 36 -55.29 18.03 -14.13
C ASN B 36 -54.92 19.51 -14.06
N TRP B 37 -55.66 20.24 -13.23
CA TRP B 37 -55.50 21.69 -13.16
C TRP B 37 -54.08 22.09 -12.78
N TYR B 38 -53.47 21.41 -11.79
CA TYR B 38 -52.20 21.87 -11.26
C TYR B 38 -51.05 21.65 -12.23
N GLU B 39 -51.12 20.64 -13.08
CA GLU B 39 -50.08 20.43 -14.08
C GLU B 39 -50.29 21.27 -15.33
N GLU B 40 -51.53 21.67 -15.62
CA GLU B 40 -51.78 22.49 -16.79
C GLU B 40 -51.48 23.97 -16.55
N VAL B 41 -51.16 24.36 -15.31
CA VAL B 41 -50.90 25.76 -14.99
C VAL B 41 -49.72 26.29 -15.79
N ASN B 42 -48.68 25.46 -15.96
CA ASN B 42 -47.49 25.89 -16.68
C ASN B 42 -47.72 26.07 -18.18
N ASN B 43 -48.83 25.57 -18.71
CA ASN B 43 -49.15 25.74 -20.11
C ASN B 43 -49.86 27.06 -20.41
N PHE B 44 -50.28 27.80 -19.38
CA PHE B 44 -50.86 29.12 -19.62
C PHE B 44 -49.78 30.09 -20.06
N GLN B 45 -50.17 31.05 -20.89
CA GLN B 45 -49.26 32.13 -21.27
C GLN B 45 -49.13 33.12 -20.12
N ASP B 46 -47.98 33.79 -20.07
CA ASP B 46 -47.65 34.61 -18.91
C ASP B 46 -48.44 35.92 -18.90
N ASP B 47 -48.63 36.54 -20.07
CA ASP B 47 -49.19 37.89 -20.15
C ASP B 47 -50.58 37.91 -20.77
N THR B 48 -51.35 36.84 -20.62
CA THR B 48 -52.74 36.81 -21.03
C THR B 48 -53.65 36.94 -19.81
N ILE B 49 -54.92 37.25 -20.10
CA ILE B 49 -55.94 37.33 -19.06
C ILE B 49 -56.56 35.96 -18.87
N LYS B 50 -56.72 35.54 -17.62
CA LYS B 50 -57.32 34.27 -17.27
C LYS B 50 -58.63 34.53 -16.57
N ILE B 51 -59.71 33.95 -17.11
CA ILE B 51 -61.08 34.25 -16.66
C ILE B 51 -61.62 33.05 -15.91
N VAL B 52 -62.39 33.32 -14.86
CA VAL B 52 -63.09 32.30 -14.09
C VAL B 52 -64.58 32.65 -14.12
N TYR B 53 -65.39 31.74 -14.65
CA TYR B 53 -66.83 31.97 -14.77
C TYR B 53 -67.61 30.76 -14.28
N ASP B 54 -68.84 31.02 -13.83
CA ASP B 54 -69.68 30.01 -13.20
C ASP B 54 -70.50 29.27 -14.26
N GLU B 55 -71.30 28.31 -13.80
CA GLU B 55 -72.10 27.51 -14.72
C GLU B 55 -73.01 28.38 -15.58
N ASN B 56 -73.49 29.48 -15.04
CA ASN B 56 -74.26 30.46 -15.79
C ASN B 56 -73.39 31.42 -16.59
N ASN B 57 -72.07 31.20 -16.60
CA ASN B 57 -71.08 31.97 -17.36
C ASN B 57 -70.91 33.39 -16.86
N ILE B 58 -71.24 33.65 -15.59
CA ILE B 58 -70.92 34.94 -14.97
C ILE B 58 -69.46 34.90 -14.54
N ILE B 59 -68.71 35.93 -14.92
CA ILE B 59 -67.29 35.99 -14.55
C ILE B 59 -67.19 36.39 -13.09
N VAL B 60 -66.57 35.53 -12.28
CA VAL B 60 -66.42 35.79 -10.86
C VAL B 60 -64.98 36.11 -10.46
N ALA B 61 -63.98 35.77 -11.27
CA ALA B 61 -62.60 36.01 -10.91
C ALA B 61 -61.77 36.24 -12.17
N ILE B 62 -60.83 37.18 -12.09
CA ILE B 62 -59.93 37.50 -13.19
C ILE B 62 -58.52 37.63 -12.64
N THR B 63 -57.55 37.16 -13.42
CA THR B 63 -56.15 37.26 -13.03
C THR B 63 -55.28 37.18 -14.27
N LYS B 64 -54.00 37.48 -14.08
CA LYS B 64 -52.98 37.20 -15.08
C LYS B 64 -52.06 36.06 -14.66
N ASP B 65 -52.30 35.47 -13.49
CA ASP B 65 -51.46 34.38 -12.96
C ASP B 65 -52.39 33.24 -12.53
N ALA B 66 -52.47 32.20 -13.38
CA ALA B 66 -53.44 31.14 -13.16
C ALA B 66 -53.19 30.37 -11.87
N SER B 67 -51.93 30.31 -11.42
CA SER B 67 -51.62 29.58 -10.19
C SER B 67 -52.24 30.21 -8.96
N THR B 68 -52.69 31.47 -9.06
CA THR B 68 -53.38 32.12 -7.95
C THR B 68 -54.87 31.78 -7.92
N LEU B 69 -55.33 30.90 -8.80
CA LEU B 69 -56.74 30.52 -8.86
C LEU B 69 -57.00 29.23 -8.10
N ASN B 70 -58.23 29.11 -7.59
CA ASN B 70 -58.76 27.85 -7.05
C ASN B 70 -60.05 27.59 -7.82
N PRO B 71 -59.98 26.91 -8.97
CA PRO B 71 -61.16 26.81 -9.83
C PRO B 71 -62.07 25.64 -9.52
N GLU B 72 -62.08 25.17 -8.28
CA GLU B 72 -62.97 24.09 -7.88
C GLU B 72 -64.42 24.55 -8.01
N GLY B 73 -65.17 23.91 -8.91
CA GLY B 73 -66.56 24.29 -9.14
C GLY B 73 -66.78 25.35 -10.19
N PHE B 74 -65.74 25.74 -10.93
CA PHE B 74 -65.84 26.79 -11.92
C PHE B 74 -65.08 26.38 -13.18
N SER B 75 -65.05 27.28 -14.16
CA SER B 75 -64.33 27.05 -15.41
C SER B 75 -63.31 28.16 -15.61
N VAL B 76 -62.21 27.82 -16.30
CA VAL B 76 -61.13 28.76 -16.55
C VAL B 76 -60.89 28.83 -18.05
N VAL B 77 -60.83 30.04 -18.59
CA VAL B 77 -60.50 30.27 -19.99
C VAL B 77 -59.45 31.36 -20.06
N GLU B 78 -58.49 31.18 -20.98
CA GLU B 78 -57.43 32.15 -21.24
C GLU B 78 -57.78 32.98 -22.46
N ILE B 79 -57.69 34.30 -22.32
CA ILE B 79 -58.05 35.23 -23.39
C ILE B 79 -56.92 36.21 -23.59
N PRO B 80 -56.80 36.80 -24.79
CA PRO B 80 -55.72 37.77 -25.02
C PRO B 80 -55.94 39.05 -24.24
N ASP B 81 -54.84 39.65 -23.80
CA ASP B 81 -54.89 40.86 -22.99
C ASP B 81 -55.08 42.06 -23.92
N ILE B 82 -56.33 42.43 -24.13
CA ILE B 82 -56.69 43.54 -24.99
C ILE B 82 -57.47 44.57 -24.17
N THR B 83 -57.63 45.75 -24.75
CA THR B 83 -58.37 46.81 -24.07
C THR B 83 -59.83 46.43 -23.87
N ALA B 84 -60.41 45.70 -24.83
CA ALA B 84 -61.80 45.26 -24.71
C ALA B 84 -61.98 44.23 -23.60
N ASN B 85 -60.90 43.61 -23.13
CA ASN B 85 -60.97 42.62 -22.07
C ASN B 85 -60.51 43.16 -20.72
N ARG B 86 -59.77 44.27 -20.71
CA ARG B 86 -59.32 44.85 -19.45
C ARG B 86 -60.45 45.58 -18.72
N ARG B 87 -61.58 45.82 -19.38
CA ARG B 87 -62.70 46.51 -18.74
C ARG B 87 -63.52 45.58 -17.83
N ALA B 88 -63.48 44.27 -18.07
CA ALA B 88 -64.22 43.34 -17.24
C ALA B 88 -63.61 43.27 -15.85
N ASP B 89 -64.44 43.41 -14.83
CA ASP B 89 -64.03 43.29 -13.43
C ASP B 89 -64.61 42.01 -12.83
N ASP B 90 -64.17 41.70 -11.61
CA ASP B 90 -64.58 40.48 -10.93
C ASP B 90 -66.04 40.50 -10.49
N SER B 91 -66.76 41.61 -10.67
CA SER B 91 -68.16 41.66 -10.33
C SER B 91 -68.99 40.86 -11.35
N GLY B 92 -70.27 40.73 -11.05
CA GLY B 92 -71.15 39.93 -11.89
C GLY B 92 -71.74 40.69 -13.04
N LYS B 93 -71.05 41.74 -13.50
CA LYS B 93 -71.54 42.58 -14.58
C LYS B 93 -70.98 42.20 -15.94
N TRP B 94 -70.24 41.10 -16.03
CA TRP B 94 -69.66 40.63 -17.28
C TRP B 94 -69.81 39.12 -17.37
N MET B 95 -70.18 38.64 -18.54
CA MET B 95 -70.28 37.22 -18.83
C MET B 95 -69.23 36.82 -19.87
N PHE B 96 -69.18 35.53 -20.17
CA PHE B 96 -68.25 35.00 -21.16
C PHE B 96 -68.98 34.08 -22.13
N LYS B 97 -68.79 34.31 -23.43
CA LYS B 97 -69.27 33.40 -24.46
C LYS B 97 -68.43 33.66 -25.72
N ASP B 98 -67.31 32.94 -25.82
CA ASP B 98 -66.32 33.16 -26.87
C ASP B 98 -65.86 34.62 -26.89
N GLY B 99 -65.69 35.18 -25.69
CA GLY B 99 -65.33 36.58 -25.53
C GLY B 99 -66.04 37.21 -24.36
N ALA B 100 -65.61 38.40 -23.96
CA ALA B 100 -66.27 39.12 -22.87
C ALA B 100 -67.39 40.00 -23.40
N VAL B 101 -68.52 39.97 -22.71
CA VAL B 101 -69.70 40.76 -23.10
C VAL B 101 -70.04 41.73 -21.98
N VAL B 102 -70.65 42.85 -22.37
CA VAL B 102 -71.17 43.82 -21.40
C VAL B 102 -72.50 43.31 -20.86
N LYS B 103 -72.69 43.45 -19.55
CA LYS B 103 -73.86 42.92 -18.85
C LYS B 103 -73.95 41.41 -19.01
C1 GOL C . 15.78 -22.19 -1.91
O1 GOL C . 16.54 -22.39 -3.07
C2 GOL C . 14.31 -22.37 -2.26
O2 GOL C . 14.14 -23.69 -2.74
C3 GOL C . 13.45 -22.16 -1.02
O3 GOL C . 12.09 -22.39 -1.34
C1 GOL D . 123.96 -58.41 9.46
O1 GOL D . 125.33 -58.09 9.49
C2 GOL D . 123.77 -59.73 8.73
O2 GOL D . 123.06 -60.63 9.54
C3 GOL D . 123.04 -59.50 7.42
O3 GOL D . 122.69 -60.74 6.84
C1 GOL E . 8.03 16.33 9.61
O1 GOL E . 9.23 15.62 9.47
C2 GOL E . 7.38 16.46 8.24
O2 GOL E . 7.92 15.47 7.38
C3 GOL E . 5.87 16.27 8.38
O3 GOL E . 5.24 16.53 7.14
C1 GOL F . 26.61 -27.10 16.05
O1 GOL F . 26.15 -27.40 17.36
C2 GOL F . 25.97 -28.07 15.05
O2 GOL F . 24.91 -28.77 15.64
C3 GOL F . 25.50 -27.28 13.85
O3 GOL F . 24.67 -28.04 12.98
C1 GOL G . -16.50 9.96 29.41
O1 GOL G . -16.06 11.28 29.17
C2 GOL G . -17.64 9.78 28.41
O2 GOL G . -17.55 8.59 27.65
C3 GOL G . -19.02 10.08 29.00
O3 GOL G . -19.12 11.48 29.18
#